data_7UE8
#
_entry.id   7UE8
#
_cell.length_a   98.571
_cell.length_b   98.571
_cell.length_c   68.941
_cell.angle_alpha   90.000
_cell.angle_beta   90.000
_cell.angle_gamma   120.000
#
_symmetry.space_group_name_H-M   'P 31 2 1'
#
loop_
_entity.id
_entity.type
_entity.pdbx_description
1 polymer 'Pantothenate kinase 3'
2 non-polymer 'PHOSPHOAMINOPHOSPHONIC ACID-ADENYLATE ESTER'
3 non-polymer 'MAGNESIUM ION'
4 non-polymer 1-[4-(6-chloropyridazin-3-yl)piperazin-1-yl]-2-(4-cyclopropyl-3-fluorophenyl)ethan-1-one
5 non-polymer 'ACETATE ION'
6 non-polymer 1,2-ETHANEDIOL
7 water water
#
_entity_poly.entity_id   1
_entity_poly.type   'polypeptide(L)'
_entity_poly.pdbx_seq_one_letter_code
;MGSSHHHHHHSSGLVPRGSPWFGMDIGGTLVKLSYFEPIDITAEEEQEEVESLKSIRKYLTSNVAYGSTGIRDVHLELKD
LTLFGRRGNLHFIRFPTQDLPTFIQMGRDKNFSTLQTVLCATGGGAYKFEKDFRTIGNLHLHKLDELDCLVKGLLYIDSV
SFNGQAECYYFANASEPERCQKMPFNLDDPYPLLVVNIGSGVSILAVHSKDNYKRVTGTSLGGGTFLGLCSLLTGCESFE
EALEMASKGDSTQADKLVRDIYGGDYERFGLPGWAVASSFGNMIYKEKRESVSKEDLARATLVTITNNIGSVARMCAVNE
KINRVVFVGNFLRVNTLSMKLLAYALDYWSKGQLKALFLEHEGYFGAVGALLGLPNFSDD
;
_entity_poly.pdbx_strand_id   A
#
# COMPACT_ATOMS: atom_id res chain seq x y z
N SER A 19 7.05 -19.63 -20.79
CA SER A 19 7.59 -18.92 -19.63
C SER A 19 6.46 -18.41 -18.74
N PRO A 20 6.71 -18.34 -17.42
CA PRO A 20 5.67 -17.87 -16.51
C PRO A 20 5.43 -16.37 -16.66
N TRP A 21 4.20 -15.97 -16.34
CA TRP A 21 3.75 -14.60 -16.48
C TRP A 21 3.79 -13.94 -15.10
N PHE A 22 4.82 -13.13 -14.87
CA PHE A 22 5.05 -12.36 -13.66
C PHE A 22 4.95 -10.86 -13.93
N GLY A 23 4.57 -10.11 -12.92
CA GLY A 23 4.86 -8.68 -12.87
C GLY A 23 5.44 -8.37 -11.51
N MET A 24 6.44 -7.48 -11.49
CA MET A 24 7.19 -7.22 -10.27
C MET A 24 7.33 -5.73 -10.02
N ASP A 25 7.08 -5.32 -8.79
CA ASP A 25 7.25 -3.94 -8.33
C ASP A 25 8.28 -4.03 -7.22
N ILE A 26 9.50 -3.57 -7.49
CA ILE A 26 10.58 -3.60 -6.53
C ILE A 26 10.63 -2.22 -5.87
N GLY A 27 10.04 -2.12 -4.68
CA GLY A 27 10.06 -0.88 -3.93
C GLY A 27 11.31 -0.72 -3.07
N GLY A 28 11.39 0.43 -2.40
CA GLY A 28 12.45 0.67 -1.43
C GLY A 28 12.44 -0.29 -0.26
N THR A 29 11.27 -0.82 0.11
CA THR A 29 11.13 -1.71 1.26
C THR A 29 10.69 -3.11 0.87
N LEU A 30 9.65 -3.23 0.04
CA LEU A 30 9.09 -4.54 -0.28
C LEU A 30 9.09 -4.77 -1.78
N VAL A 31 9.32 -6.03 -2.17
CA VAL A 31 9.11 -6.48 -3.54
C VAL A 31 7.72 -7.09 -3.60
N LYS A 32 6.93 -6.66 -4.58
CA LYS A 32 5.59 -7.19 -4.77
C LYS A 32 5.57 -7.92 -6.10
N LEU A 33 5.00 -9.12 -6.10
CA LEU A 33 5.03 -9.96 -7.28
C LEU A 33 3.61 -10.44 -7.57
N SER A 34 3.16 -10.25 -8.81
CA SER A 34 1.90 -10.83 -9.27
C SER A 34 2.23 -11.94 -10.27
N TYR A 35 1.62 -13.10 -10.06
CA TYR A 35 1.86 -14.27 -10.90
C TYR A 35 0.51 -14.79 -11.40
N PHE A 36 0.42 -15.04 -12.71
CA PHE A 36 -0.79 -15.55 -13.32
C PHE A 36 -0.62 -17.06 -13.54
N GLU A 37 -1.45 -17.86 -12.88
CA GLU A 37 -1.38 -19.30 -12.98
C GLU A 37 -2.46 -19.77 -13.94
N PRO A 38 -2.11 -20.29 -15.13
CA PRO A 38 -3.16 -20.77 -16.04
C PRO A 38 -3.80 -22.03 -15.48
N ILE A 39 -5.12 -22.09 -15.61
CA ILE A 39 -5.90 -23.24 -15.15
C ILE A 39 -6.56 -23.99 -16.30
N ASP A 40 -6.41 -23.50 -17.53
CA ASP A 40 -6.90 -24.16 -18.73
C ASP A 40 -5.81 -24.93 -19.45
N ILE A 41 -4.93 -25.58 -18.69
CA ILE A 41 -3.80 -26.30 -19.28
C ILE A 41 -4.32 -27.57 -19.94
N THR A 42 -4.13 -27.67 -21.25
CA THR A 42 -4.62 -28.83 -21.98
C THR A 42 -3.69 -30.03 -21.80
N ALA A 43 -4.14 -31.18 -22.30
CA ALA A 43 -3.33 -32.39 -22.23
C ALA A 43 -2.03 -32.23 -22.99
N GLU A 44 -2.09 -31.66 -24.19
CA GLU A 44 -0.88 -31.47 -24.99
C GLU A 44 0.03 -30.41 -24.37
N GLU A 45 -0.54 -29.32 -23.86
CA GLU A 45 0.28 -28.27 -23.24
C GLU A 45 1.02 -28.78 -22.02
N GLU A 46 0.40 -29.68 -21.25
CA GLU A 46 1.05 -30.20 -20.06
C GLU A 46 2.22 -31.11 -20.42
N GLN A 47 2.08 -31.93 -21.46
CA GLN A 47 3.18 -32.78 -21.89
C GLN A 47 4.35 -31.95 -22.41
N GLU A 48 4.07 -30.98 -23.28
CA GLU A 48 5.10 -30.16 -23.91
C GLU A 48 5.58 -29.00 -23.03
N GLU A 49 5.69 -29.20 -21.72
CA GLU A 49 6.16 -28.15 -20.82
C GLU A 49 7.39 -28.64 -20.06
N VAL A 50 8.37 -27.75 -19.92
CA VAL A 50 9.65 -28.15 -19.37
C VAL A 50 9.55 -28.31 -17.86
N GLU A 51 10.32 -29.27 -17.33
CA GLU A 51 10.22 -29.61 -15.91
C GLU A 51 10.43 -28.40 -15.02
N SER A 52 11.38 -27.51 -15.36
CA SER A 52 11.62 -26.33 -14.55
C SER A 52 10.39 -25.41 -14.53
N LEU A 53 9.68 -25.32 -15.65
CA LEU A 53 8.42 -24.58 -15.65
C LEU A 53 7.39 -25.27 -14.76
N LYS A 54 7.33 -26.60 -14.81
CA LYS A 54 6.41 -27.34 -13.96
C LYS A 54 6.75 -27.13 -12.48
N SER A 55 8.04 -27.20 -12.13
CA SER A 55 8.41 -27.08 -10.72
C SER A 55 8.27 -25.65 -10.21
N ILE A 56 8.33 -24.65 -11.09
CA ILE A 56 8.03 -23.28 -10.68
C ILE A 56 6.58 -23.16 -10.25
N ARG A 57 5.66 -23.60 -11.12
CA ARG A 57 4.24 -23.51 -10.82
C ARG A 57 3.90 -24.31 -9.57
N LYS A 58 4.46 -25.52 -9.46
CA LYS A 58 4.24 -26.34 -8.28
C LYS A 58 4.73 -25.64 -7.02
N TYR A 59 5.95 -25.11 -7.05
CA TYR A 59 6.52 -24.46 -5.88
C TYR A 59 5.67 -23.29 -5.43
N LEU A 60 5.18 -22.50 -6.39
CA LEU A 60 4.47 -21.27 -6.06
C LEU A 60 3.05 -21.53 -5.58
N THR A 61 2.39 -22.55 -6.12
CA THR A 61 1.00 -22.84 -5.75
C THR A 61 0.87 -23.84 -4.61
N SER A 62 1.94 -24.55 -4.24
CA SER A 62 1.89 -25.49 -3.13
C SER A 62 2.47 -24.92 -1.83
N ASN A 63 2.97 -23.70 -1.84
CA ASN A 63 3.46 -23.08 -0.62
C ASN A 63 2.86 -21.70 -0.45
N VAL A 64 2.69 -21.30 0.80
CA VAL A 64 2.27 -19.94 1.13
C VAL A 64 3.38 -19.15 1.81
N ALA A 65 4.40 -19.80 2.33
CA ALA A 65 5.64 -19.16 2.74
C ALA A 65 6.74 -19.63 1.81
N TYR A 66 7.61 -18.71 1.41
CA TYR A 66 8.70 -19.01 0.49
C TYR A 66 10.02 -18.61 1.16
N GLY A 67 10.90 -19.57 1.37
CA GLY A 67 12.02 -19.27 2.23
C GLY A 67 11.53 -18.80 3.57
N SER A 68 12.28 -17.89 4.18
CA SER A 68 11.93 -17.42 5.51
C SER A 68 11.27 -16.05 5.51
N THR A 69 11.22 -15.36 4.37
CA THR A 69 10.64 -14.02 4.31
C THR A 69 9.62 -13.81 3.19
N GLY A 70 9.36 -14.81 2.34
CA GLY A 70 8.36 -14.65 1.29
C GLY A 70 6.99 -15.12 1.74
N ILE A 71 5.96 -14.41 1.29
CA ILE A 71 4.58 -14.65 1.72
C ILE A 71 3.65 -14.51 0.53
N ARG A 72 2.78 -15.49 0.33
CA ARG A 72 1.69 -15.39 -0.63
C ARG A 72 0.45 -14.92 0.13
N ASP A 73 -0.13 -13.80 -0.30
CA ASP A 73 -1.37 -13.30 0.31
C ASP A 73 -2.54 -14.04 -0.34
N VAL A 74 -2.86 -15.21 0.22
CA VAL A 74 -3.83 -16.12 -0.40
C VAL A 74 -5.21 -15.49 -0.50
N HIS A 75 -5.60 -14.72 0.51
CA HIS A 75 -6.95 -14.13 0.52
C HIS A 75 -7.16 -13.13 -0.60
N LEU A 76 -6.08 -12.60 -1.21
CA LEU A 76 -6.21 -11.64 -2.31
C LEU A 76 -6.37 -12.30 -3.68
N GLU A 77 -6.14 -13.60 -3.79
CA GLU A 77 -6.12 -14.29 -5.08
C GLU A 77 -7.37 -13.97 -5.90
N LEU A 78 -7.18 -13.65 -7.19
CA LEU A 78 -8.29 -13.51 -8.13
C LEU A 78 -8.39 -14.82 -8.90
N LYS A 79 -9.56 -15.47 -8.84
CA LYS A 79 -9.72 -16.80 -9.40
C LYS A 79 -10.52 -16.73 -10.71
N ASP A 80 -10.15 -17.60 -11.65
CA ASP A 80 -10.88 -17.73 -12.92
C ASP A 80 -10.92 -16.39 -13.65
N LEU A 81 -9.79 -15.70 -13.64
CA LEU A 81 -9.63 -14.48 -14.41
C LEU A 81 -9.23 -14.84 -15.84
N THR A 82 -9.81 -14.15 -16.81
CA THR A 82 -9.38 -14.27 -18.20
C THR A 82 -8.38 -13.17 -18.49
N LEU A 83 -7.13 -13.55 -18.73
CA LEU A 83 -6.07 -12.60 -19.01
C LEU A 83 -5.28 -13.07 -20.22
N PHE A 84 -5.07 -12.18 -21.17
CA PHE A 84 -4.35 -12.50 -22.40
C PHE A 84 -4.94 -13.72 -23.09
N GLY A 85 -6.26 -13.89 -23.00
CA GLY A 85 -6.93 -15.00 -23.65
C GLY A 85 -6.81 -16.34 -22.96
N ARG A 86 -6.27 -16.39 -21.74
CA ARG A 86 -6.22 -17.60 -20.95
C ARG A 86 -7.04 -17.39 -19.69
N ARG A 87 -7.66 -18.45 -19.20
CA ARG A 87 -8.23 -18.42 -17.87
C ARG A 87 -7.19 -18.88 -16.86
N GLY A 88 -7.15 -18.21 -15.72
CA GLY A 88 -6.21 -18.59 -14.69
C GLY A 88 -6.50 -17.84 -13.42
N ASN A 89 -5.63 -18.05 -12.44
CA ASN A 89 -5.72 -17.39 -11.14
C ASN A 89 -4.59 -16.38 -11.01
N LEU A 90 -4.91 -15.21 -10.48
CA LEU A 90 -3.91 -14.18 -10.26
C LEU A 90 -3.48 -14.23 -8.80
N HIS A 91 -2.19 -14.47 -8.57
CA HIS A 91 -1.64 -14.60 -7.22
C HIS A 91 -0.80 -13.39 -6.87
N PHE A 92 -0.74 -13.09 -5.56
CA PHE A 92 -0.09 -11.89 -5.03
C PHE A 92 0.90 -12.29 -3.96
N ILE A 93 2.18 -11.93 -4.15
CA ILE A 93 3.30 -12.42 -3.35
C ILE A 93 4.19 -11.24 -3.00
N ARG A 94 4.77 -11.26 -1.79
CA ARG A 94 5.63 -10.16 -1.34
C ARG A 94 6.81 -10.70 -0.53
N PHE A 95 7.93 -9.98 -0.58
CA PHE A 95 9.07 -10.27 0.28
C PHE A 95 9.92 -9.02 0.40
N PRO A 96 10.85 -8.97 1.36
CA PRO A 96 11.64 -7.74 1.55
C PRO A 96 12.61 -7.53 0.40
N THR A 97 12.69 -6.27 -0.04
CA THR A 97 13.68 -5.91 -1.05
C THR A 97 15.07 -6.33 -0.60
N GLN A 98 15.34 -6.27 0.70
CA GLN A 98 16.60 -6.74 1.26
C GLN A 98 16.93 -8.18 0.83
N ASP A 99 15.91 -9.02 0.61
CA ASP A 99 16.16 -10.40 0.24
C ASP A 99 16.09 -10.65 -1.25
N LEU A 100 16.09 -9.60 -2.08
CA LEU A 100 16.13 -9.81 -3.52
C LEU A 100 17.34 -10.60 -3.99
N PRO A 101 18.56 -10.44 -3.42
CA PRO A 101 19.66 -11.34 -3.82
C PRO A 101 19.33 -12.82 -3.70
N THR A 102 18.63 -13.22 -2.63
CA THR A 102 18.19 -14.61 -2.53
C THR A 102 17.24 -14.98 -3.67
N PHE A 103 16.32 -14.08 -4.01
CA PHE A 103 15.39 -14.33 -5.11
C PHE A 103 16.15 -14.54 -6.42
N ILE A 104 17.14 -13.68 -6.69
CA ILE A 104 17.91 -13.77 -7.93
C ILE A 104 18.77 -15.02 -7.95
N GLN A 105 19.38 -15.36 -6.81
CA GLN A 105 20.15 -16.60 -6.72
C GLN A 105 19.29 -17.83 -6.98
N MET A 106 18.09 -17.88 -6.39
CA MET A 106 17.14 -18.95 -6.71
C MET A 106 16.86 -18.99 -8.22
N GLY A 107 16.77 -17.82 -8.85
CA GLY A 107 16.48 -17.77 -10.27
C GLY A 107 17.60 -18.30 -11.13
N ARG A 108 18.84 -18.17 -10.66
CA ARG A 108 20.00 -18.71 -11.37
C ARG A 108 20.23 -20.19 -11.13
N ASP A 109 19.43 -20.84 -10.29
CA ASP A 109 19.54 -22.29 -10.10
C ASP A 109 18.59 -23.03 -11.06
N THR A 117 12.19 -16.34 -20.14
CA THR A 117 11.41 -15.52 -19.22
C THR A 117 11.56 -14.03 -19.54
N VAL A 118 10.43 -13.34 -19.70
CA VAL A 118 10.39 -11.90 -19.90
C VAL A 118 9.83 -11.30 -18.62
N LEU A 119 10.61 -10.44 -17.98
CA LEU A 119 10.23 -9.87 -16.69
C LEU A 119 9.90 -8.40 -16.86
N CYS A 120 8.62 -8.08 -16.70
CA CYS A 120 8.17 -6.69 -16.64
C CYS A 120 8.27 -6.26 -15.19
N ALA A 121 9.06 -5.22 -14.94
CA ALA A 121 9.39 -4.78 -13.59
C ALA A 121 9.24 -3.26 -13.51
N THR A 122 8.78 -2.79 -12.36
CA THR A 122 8.61 -1.37 -12.12
C THR A 122 9.13 -1.08 -10.72
N GLY A 123 8.90 0.13 -10.25
CA GLY A 123 9.49 0.60 -9.00
C GLY A 123 10.94 0.99 -9.18
N GLY A 124 11.46 1.74 -8.20
CA GLY A 124 12.85 2.16 -8.26
C GLY A 124 13.83 1.01 -8.42
N GLY A 125 13.52 -0.15 -7.85
CA GLY A 125 14.44 -1.28 -7.91
C GLY A 125 14.57 -1.89 -9.30
N ALA A 126 13.63 -1.60 -10.20
CA ALA A 126 13.79 -2.03 -11.59
C ALA A 126 14.98 -1.36 -12.24
N TYR A 127 15.27 -0.12 -11.85
CA TYR A 127 16.50 0.54 -12.31
C TYR A 127 17.70 0.13 -11.47
N LYS A 128 17.57 0.22 -10.15
CA LYS A 128 18.73 0.00 -9.28
C LYS A 128 19.31 -1.40 -9.46
N PHE A 129 18.46 -2.42 -9.54
CA PHE A 129 18.92 -3.81 -9.64
C PHE A 129 18.85 -4.36 -11.05
N GLU A 130 18.77 -3.49 -12.06
CA GLU A 130 18.73 -3.93 -13.46
C GLU A 130 19.86 -4.90 -13.80
N LYS A 131 21.09 -4.53 -13.45
CA LYS A 131 22.22 -5.38 -13.80
C LYS A 131 22.19 -6.72 -13.08
N ASP A 132 21.63 -6.76 -11.88
CA ASP A 132 21.53 -8.04 -11.16
C ASP A 132 20.58 -9.00 -11.86
N PHE A 133 19.43 -8.51 -12.33
CA PHE A 133 18.47 -9.36 -13.03
C PHE A 133 19.06 -9.94 -14.30
N ARG A 134 19.94 -9.19 -14.96
CA ARG A 134 20.58 -9.69 -16.16
C ARG A 134 21.67 -10.72 -15.88
N THR A 135 22.01 -11.00 -14.62
CA THR A 135 22.85 -12.18 -14.37
C THR A 135 22.11 -13.47 -14.62
N ILE A 136 20.78 -13.42 -14.74
CA ILE A 136 19.98 -14.58 -15.15
C ILE A 136 20.06 -14.68 -16.66
N GLY A 137 20.72 -15.72 -17.16
CA GLY A 137 20.93 -15.90 -18.59
C GLY A 137 19.70 -15.73 -19.45
N ASN A 138 19.83 -14.92 -20.51
CA ASN A 138 18.81 -14.72 -21.52
C ASN A 138 17.50 -14.12 -20.98
N LEU A 139 17.44 -13.82 -19.69
CA LEU A 139 16.25 -13.15 -19.15
C LEU A 139 16.16 -11.74 -19.73
N HIS A 140 14.98 -11.37 -20.19
CA HIS A 140 14.75 -10.04 -20.75
C HIS A 140 14.03 -9.19 -19.70
N LEU A 141 14.68 -8.11 -19.29
CA LEU A 141 14.13 -7.18 -18.30
C LEU A 141 13.57 -5.96 -19.02
N HIS A 142 12.27 -5.72 -18.84
CA HIS A 142 11.64 -4.53 -19.39
C HIS A 142 11.17 -3.67 -18.23
N LYS A 143 11.77 -2.48 -18.10
CA LYS A 143 11.42 -1.55 -17.03
C LYS A 143 10.23 -0.71 -17.45
N LEU A 144 9.25 -0.60 -16.55
CA LEU A 144 8.05 0.20 -16.78
C LEU A 144 7.92 1.23 -15.66
N ASP A 145 7.35 2.39 -15.98
CA ASP A 145 7.33 3.46 -14.99
C ASP A 145 6.33 3.19 -13.88
N GLU A 146 6.74 3.54 -12.65
CA GLU A 146 5.92 3.38 -11.46
C GLU A 146 4.51 3.94 -11.66
N LEU A 147 4.39 5.10 -12.31
CA LEU A 147 3.10 5.79 -12.40
C LEU A 147 2.14 5.06 -13.33
N ASP A 148 2.57 4.78 -14.57
CA ASP A 148 1.70 4.08 -15.50
C ASP A 148 1.24 2.75 -14.91
N CYS A 149 2.15 2.06 -14.23
CA CYS A 149 1.84 0.73 -13.70
C CYS A 149 0.80 0.80 -12.59
N LEU A 150 0.97 1.76 -11.66
CA LEU A 150 0.02 1.92 -10.56
C LEU A 150 -1.39 2.22 -11.09
N VAL A 151 -1.48 3.17 -12.01
CA VAL A 151 -2.78 3.59 -12.54
C VAL A 151 -3.42 2.46 -13.35
N LYS A 152 -2.63 1.82 -14.21
CA LYS A 152 -3.14 0.71 -15.02
C LYS A 152 -3.59 -0.46 -14.14
N GLY A 153 -2.79 -0.81 -13.13
CA GLY A 153 -3.14 -1.91 -12.25
C GLY A 153 -4.39 -1.63 -11.43
N LEU A 154 -4.47 -0.44 -10.85
CA LEU A 154 -5.62 -0.06 -10.03
C LEU A 154 -6.91 -0.10 -10.84
N LEU A 155 -6.88 0.50 -12.04
CA LEU A 155 -8.08 0.52 -12.86
C LEU A 155 -8.47 -0.88 -13.31
N TYR A 156 -7.47 -1.74 -13.56
CA TYR A 156 -7.76 -3.10 -14.00
C TYR A 156 -8.43 -3.90 -12.89
N ILE A 157 -7.81 -3.94 -11.71
CA ILE A 157 -8.35 -4.74 -10.62
C ILE A 157 -9.77 -4.30 -10.26
N ASP A 158 -10.00 -2.98 -10.21
CA ASP A 158 -11.36 -2.52 -9.94
C ASP A 158 -12.30 -2.93 -11.04
N SER A 159 -11.81 -3.00 -12.29
CA SER A 159 -12.69 -3.31 -13.40
C SER A 159 -13.10 -4.78 -13.40
N VAL A 160 -12.22 -5.68 -12.96
CA VAL A 160 -12.57 -7.10 -12.94
C VAL A 160 -13.25 -7.52 -11.64
N SER A 161 -13.26 -6.65 -10.64
CA SER A 161 -13.85 -6.85 -9.30
C SER A 161 -13.01 -7.83 -8.48
N PHE A 162 -13.29 -7.89 -7.18
CA PHE A 162 -12.60 -8.79 -6.25
C PHE A 162 -13.45 -10.04 -6.12
N ASN A 163 -13.33 -10.92 -7.11
CA ASN A 163 -14.11 -12.15 -7.19
C ASN A 163 -15.61 -11.87 -7.05
N GLY A 164 -16.06 -10.81 -7.71
CA GLY A 164 -17.46 -10.42 -7.68
C GLY A 164 -17.80 -9.39 -6.62
N GLN A 165 -16.92 -9.17 -5.65
CA GLN A 165 -17.11 -8.17 -4.62
C GLN A 165 -16.40 -6.87 -5.02
N ALA A 166 -16.81 -5.78 -4.38
CA ALA A 166 -16.19 -4.50 -4.64
C ALA A 166 -14.70 -4.54 -4.29
N GLU A 167 -13.87 -4.01 -5.19
CA GLU A 167 -12.47 -3.79 -4.84
C GLU A 167 -12.31 -2.57 -3.94
N CYS A 168 -13.21 -1.61 -4.04
CA CYS A 168 -13.07 -0.33 -3.36
C CYS A 168 -14.09 -0.22 -2.23
N TYR A 169 -13.66 0.36 -1.11
CA TYR A 169 -14.52 0.50 0.06
C TYR A 169 -14.19 1.77 0.82
N TYR A 170 -15.13 2.18 1.66
CA TYR A 170 -14.94 3.33 2.53
C TYR A 170 -15.54 3.01 3.90
N PHE A 171 -15.34 3.90 4.85
CA PHE A 171 -15.89 3.75 6.18
C PHE A 171 -17.08 4.69 6.32
N ALA A 172 -18.27 4.11 6.30
CA ALA A 172 -19.51 4.87 6.45
C ALA A 172 -19.60 5.46 7.85
N ASN A 173 -20.17 6.67 7.93
CA ASN A 173 -20.36 7.37 9.19
C ASN A 173 -19.08 7.34 10.03
N ALA A 174 -17.98 7.70 9.39
CA ALA A 174 -16.68 7.67 10.04
C ALA A 174 -16.59 8.63 11.22
N SER A 175 -17.58 9.51 11.42
CA SER A 175 -17.56 10.41 12.56
C SER A 175 -18.00 9.73 13.86
N GLU A 176 -19.03 8.88 13.79
CA GLU A 176 -19.54 8.20 14.99
C GLU A 176 -18.97 6.79 15.08
N PRO A 177 -18.33 6.42 16.18
CA PRO A 177 -17.71 5.07 16.24
C PRO A 177 -18.74 3.96 16.39
N GLU A 178 -19.90 4.25 16.99
CA GLU A 178 -20.95 3.25 17.12
C GLU A 178 -21.56 2.86 15.78
N ARG A 179 -21.42 3.73 14.77
CA ARG A 179 -21.97 3.48 13.44
C ARG A 179 -20.91 3.12 12.41
N CYS A 180 -19.63 3.34 12.70
CA CYS A 180 -18.57 3.30 11.70
C CYS A 180 -18.31 1.87 11.23
N GLN A 181 -18.49 1.64 9.93
CA GLN A 181 -18.36 0.31 9.36
C GLN A 181 -17.93 0.38 7.91
N LYS A 182 -17.13 -0.61 7.51
CA LYS A 182 -16.66 -0.75 6.14
C LYS A 182 -17.83 -1.01 5.18
N MET A 183 -17.93 -0.21 4.11
CA MET A 183 -18.98 -0.34 3.10
C MET A 183 -18.37 -0.27 1.70
N PRO A 184 -18.94 -0.98 0.74
CA PRO A 184 -18.38 -0.96 -0.62
C PRO A 184 -18.63 0.36 -1.33
N PHE A 185 -17.75 0.68 -2.28
CA PHE A 185 -17.83 1.93 -3.02
C PHE A 185 -17.62 1.67 -4.50
N ASN A 186 -18.49 2.22 -5.35
CA ASN A 186 -18.45 1.94 -6.78
C ASN A 186 -17.57 2.96 -7.51
N LEU A 187 -16.68 2.46 -8.37
CA LEU A 187 -15.78 3.28 -9.18
C LEU A 187 -15.97 3.01 -10.68
N ASP A 188 -17.22 2.84 -11.13
CA ASP A 188 -17.44 2.51 -12.54
C ASP A 188 -17.02 3.65 -13.47
N ASP A 189 -17.28 4.89 -13.07
CA ASP A 189 -16.58 6.03 -13.67
C ASP A 189 -15.65 6.58 -12.61
N PRO A 190 -14.35 6.28 -12.69
CA PRO A 190 -13.44 6.61 -11.59
C PRO A 190 -12.79 7.98 -11.69
N TYR A 191 -13.16 8.79 -12.66
CA TYR A 191 -12.39 10.02 -12.80
C TYR A 191 -13.22 11.23 -12.41
N PRO A 192 -12.59 12.26 -11.82
CA PRO A 192 -11.17 12.26 -11.48
C PRO A 192 -10.88 11.52 -10.18
N LEU A 193 -9.62 11.18 -9.94
CA LEU A 193 -9.22 10.45 -8.75
C LEU A 193 -7.91 11.00 -8.22
N LEU A 194 -7.83 11.21 -6.91
CA LEU A 194 -6.57 11.48 -6.22
C LEU A 194 -6.09 10.19 -5.57
N VAL A 195 -4.93 9.71 -6.00
CA VAL A 195 -4.36 8.47 -5.51
C VAL A 195 -3.20 8.82 -4.59
N VAL A 196 -3.27 8.37 -3.34
CA VAL A 196 -2.24 8.64 -2.35
C VAL A 196 -1.53 7.33 -2.06
N ASN A 197 -0.28 7.23 -2.52
CA ASN A 197 0.49 5.99 -2.47
C ASN A 197 1.43 6.07 -1.27
N ILE A 198 1.11 5.36 -0.20
CA ILE A 198 1.89 5.43 1.03
C ILE A 198 2.80 4.21 1.05
N GLY A 199 4.06 4.39 0.63
CA GLY A 199 5.05 3.33 0.66
C GLY A 199 6.09 3.68 1.70
N SER A 200 7.38 3.55 1.37
CA SER A 200 8.43 4.14 2.20
C SER A 200 8.16 5.62 2.42
N GLY A 201 7.98 6.36 1.33
CA GLY A 201 7.47 7.71 1.36
C GLY A 201 6.05 7.77 0.84
N VAL A 202 5.65 8.95 0.38
CA VAL A 202 4.30 9.12 -0.14
C VAL A 202 4.38 9.81 -1.49
N SER A 203 3.70 9.24 -2.49
CA SER A 203 3.49 9.89 -3.77
C SER A 203 2.00 10.21 -3.93
N ILE A 204 1.70 11.39 -4.47
CA ILE A 204 0.30 11.79 -4.69
C ILE A 204 0.07 12.05 -6.17
N LEU A 205 -0.90 11.36 -6.73
CA LEU A 205 -1.22 11.40 -8.15
C LEU A 205 -2.63 11.95 -8.37
N ALA A 206 -2.79 12.72 -9.44
CA ALA A 206 -4.09 13.17 -9.90
C ALA A 206 -4.37 12.45 -11.22
N VAL A 207 -5.44 11.68 -11.24
CA VAL A 207 -5.82 10.88 -12.39
C VAL A 207 -7.07 11.53 -12.98
N HIS A 208 -6.96 12.06 -14.19
CA HIS A 208 -8.11 12.66 -14.86
C HIS A 208 -8.72 11.76 -15.91
N SER A 209 -7.95 10.83 -16.47
CA SER A 209 -8.51 9.84 -17.40
C SER A 209 -7.53 8.68 -17.49
N LYS A 210 -7.86 7.71 -18.35
CA LYS A 210 -7.03 6.51 -18.48
C LYS A 210 -5.64 6.85 -18.98
N ASP A 211 -5.50 7.95 -19.72
CA ASP A 211 -4.21 8.35 -20.28
C ASP A 211 -3.75 9.73 -19.82
N ASN A 212 -4.42 10.32 -18.82
CA ASN A 212 -4.11 11.67 -18.35
C ASN A 212 -3.97 11.63 -16.84
N TYR A 213 -2.73 11.55 -16.35
CA TYR A 213 -2.48 11.53 -14.92
C TYR A 213 -1.12 12.19 -14.67
N LYS A 214 -0.98 12.75 -13.48
CA LYS A 214 0.23 13.44 -13.10
C LYS A 214 0.54 13.14 -11.64
N ARG A 215 1.83 13.18 -11.30
CA ARG A 215 2.26 13.17 -9.91
C ARG A 215 2.14 14.61 -9.37
N VAL A 216 1.21 14.83 -8.45
CA VAL A 216 0.99 16.20 -7.95
C VAL A 216 2.15 16.64 -7.08
N THR A 217 2.54 15.80 -6.14
CA THR A 217 3.65 16.07 -5.23
C THR A 217 3.93 14.77 -4.49
N GLY A 218 4.74 14.85 -3.43
CA GLY A 218 4.93 13.73 -2.52
C GLY A 218 5.32 14.26 -1.17
N THR A 219 5.42 13.37 -0.19
CA THR A 219 6.02 13.71 1.09
C THR A 219 6.96 12.59 1.51
N SER A 220 8.02 12.96 2.23
CA SER A 220 8.93 11.94 2.73
C SER A 220 8.52 11.39 4.09
N LEU A 221 7.38 11.81 4.63
CA LEU A 221 6.88 11.28 5.89
C LEU A 221 5.86 10.20 5.58
N GLY A 222 6.35 8.95 5.45
CA GLY A 222 5.54 7.83 5.02
C GLY A 222 5.74 6.61 5.91
N GLY A 223 5.51 5.44 5.30
CA GLY A 223 5.60 4.20 6.06
C GLY A 223 6.97 3.92 6.64
N GLY A 224 8.04 4.29 5.92
CA GLY A 224 9.38 4.07 6.43
C GLY A 224 9.69 4.96 7.62
N THR A 225 9.09 6.16 7.66
CA THR A 225 9.19 7.04 8.82
C THR A 225 8.55 6.42 10.05
N PHE A 226 7.32 5.91 9.88
CA PHE A 226 6.67 5.22 11.00
C PHE A 226 7.54 4.09 11.50
N LEU A 227 7.96 3.20 10.61
CA LEU A 227 8.75 2.03 11.00
C LEU A 227 10.12 2.43 11.56
N GLY A 228 10.80 3.37 10.90
CA GLY A 228 12.11 3.78 11.40
C GLY A 228 12.05 4.47 12.75
N LEU A 229 11.14 5.44 12.90
CA LEU A 229 11.04 6.15 14.18
C LEU A 229 10.59 5.21 15.28
N CYS A 230 9.58 4.38 14.98
CA CYS A 230 9.11 3.39 15.95
C CYS A 230 10.23 2.50 16.45
N SER A 231 11.06 2.00 15.54
CA SER A 231 12.16 1.14 15.96
C SER A 231 13.16 1.88 16.82
N LEU A 232 13.42 3.15 16.49
CA LEU A 232 14.32 3.94 17.33
C LEU A 232 13.72 4.17 18.72
N LEU A 233 12.43 4.51 18.78
CA LEU A 233 11.82 4.93 20.05
C LEU A 233 11.43 3.76 20.93
N THR A 234 11.03 2.64 20.34
CA THR A 234 10.42 1.55 21.09
C THR A 234 11.18 0.24 21.00
N GLY A 235 12.13 0.11 20.09
CA GLY A 235 12.86 -1.14 19.92
C GLY A 235 12.09 -2.23 19.20
N CYS A 236 10.90 -1.94 18.70
CA CYS A 236 10.13 -2.92 17.94
C CYS A 236 10.97 -3.45 16.78
N GLU A 237 10.71 -4.70 16.39
CA GLU A 237 11.52 -5.37 15.39
C GLU A 237 10.72 -5.77 14.14
N SER A 238 9.47 -5.34 14.01
CA SER A 238 8.69 -5.64 12.82
C SER A 238 7.56 -4.64 12.69
N PHE A 239 7.05 -4.51 11.46
CA PHE A 239 5.90 -3.64 11.21
C PHE A 239 4.71 -4.04 12.08
N GLU A 240 4.44 -5.34 12.18
CA GLU A 240 3.28 -5.84 12.93
C GLU A 240 3.44 -5.61 14.42
N GLU A 241 4.64 -5.83 14.96
CA GLU A 241 4.87 -5.53 16.37
C GLU A 241 4.67 -4.04 16.65
N ALA A 242 5.12 -3.19 15.74
CA ALA A 242 4.91 -1.75 15.90
C ALA A 242 3.44 -1.40 15.96
N LEU A 243 2.63 -1.98 15.07
CA LEU A 243 1.18 -1.75 15.10
C LEU A 243 0.56 -2.30 16.37
N GLU A 244 1.03 -3.47 16.82
CA GLU A 244 0.51 -4.04 18.07
C GLU A 244 0.84 -3.17 19.28
N MET A 245 2.05 -2.60 19.34
CA MET A 245 2.34 -1.65 20.42
C MET A 245 1.43 -0.42 20.31
N ALA A 246 1.23 0.09 19.09
CA ALA A 246 0.42 1.29 18.91
C ALA A 246 -1.04 1.05 19.33
N SER A 247 -1.56 -0.17 19.16
CA SER A 247 -2.94 -0.41 19.54
C SER A 247 -3.15 -0.32 21.04
N LYS A 248 -2.08 -0.48 21.83
CA LYS A 248 -2.17 -0.44 23.27
C LYS A 248 -1.79 0.92 23.84
N GLY A 249 -1.35 1.85 23.01
CA GLY A 249 -0.83 3.10 23.49
C GLY A 249 -1.86 4.21 23.59
N ASP A 250 -1.44 5.32 24.20
CA ASP A 250 -2.22 6.54 24.27
C ASP A 250 -1.32 7.67 23.75
N SER A 251 -1.54 8.10 22.51
CA SER A 251 -0.71 9.14 21.91
C SER A 251 -0.79 10.48 22.65
N THR A 252 -1.86 10.74 23.38
CA THR A 252 -1.96 12.01 24.09
C THR A 252 -0.94 12.12 25.21
N GLN A 253 -0.29 11.02 25.59
CA GLN A 253 0.82 11.10 26.55
C GLN A 253 2.03 11.79 25.96
N ALA A 254 2.27 11.65 24.65
CA ALA A 254 3.40 12.27 23.97
C ALA A 254 3.04 13.60 23.31
N ASP A 255 1.84 13.70 22.74
CA ASP A 255 1.41 14.86 21.96
C ASP A 255 0.84 15.95 22.85
N LYS A 256 1.08 17.20 22.45
CA LYS A 256 0.46 18.33 23.11
C LYS A 256 -0.82 18.71 22.36
N LEU A 257 -1.94 18.78 23.08
CA LEU A 257 -3.23 18.98 22.44
C LEU A 257 -3.64 20.44 22.50
N VAL A 258 -4.62 20.80 21.68
CA VAL A 258 -5.14 22.17 21.71
C VAL A 258 -5.56 22.55 23.12
N ARG A 259 -6.19 21.61 23.85
CA ARG A 259 -6.60 21.96 25.20
C ARG A 259 -5.43 22.10 26.17
N ASP A 260 -4.28 21.51 25.87
CA ASP A 260 -3.12 21.76 26.74
C ASP A 260 -2.63 23.19 26.62
N ILE A 261 -2.90 23.85 25.50
CA ILE A 261 -2.42 25.22 25.25
C ILE A 261 -3.48 26.25 25.60
N TYR A 262 -4.73 25.98 25.23
CA TYR A 262 -5.82 26.90 25.47
C TYR A 262 -6.62 26.59 26.73
N GLY A 263 -6.55 25.37 27.25
CA GLY A 263 -7.44 24.94 28.31
C GLY A 263 -8.78 24.46 27.84
N GLY A 264 -8.97 24.30 26.53
CA GLY A 264 -10.25 23.94 25.96
C GLY A 264 -10.17 24.04 24.44
N ASP A 265 -11.33 24.24 23.82
CA ASP A 265 -11.35 24.49 22.39
C ASP A 265 -10.73 25.85 22.06
N TYR A 266 -10.25 25.98 20.82
CA TYR A 266 -9.91 27.27 20.22
C TYR A 266 -11.13 27.61 19.36
N GLU A 267 -12.11 28.27 19.99
CA GLU A 267 -13.40 28.52 19.34
C GLU A 267 -13.23 29.31 18.05
N ARG A 268 -12.46 30.40 18.11
CA ARG A 268 -12.37 31.36 17.02
C ARG A 268 -12.02 30.70 15.69
N PHE A 269 -11.24 29.62 15.70
CA PHE A 269 -10.85 28.96 14.46
C PHE A 269 -11.36 27.53 14.36
N GLY A 270 -12.39 27.17 15.12
CA GLY A 270 -12.97 25.85 15.01
C GLY A 270 -11.97 24.73 15.20
N LEU A 271 -11.06 24.89 16.15
CA LEU A 271 -10.12 23.84 16.51
C LEU A 271 -10.61 23.15 17.78
N PRO A 272 -10.96 21.88 17.76
CA PRO A 272 -11.48 21.23 18.97
C PRO A 272 -10.34 21.00 19.95
N GLY A 273 -10.67 20.97 21.23
CA GLY A 273 -9.67 20.76 22.26
C GLY A 273 -8.86 19.48 22.09
N TRP A 274 -9.40 18.49 21.38
CA TRP A 274 -8.72 17.21 21.21
C TRP A 274 -7.75 17.19 20.04
N ALA A 275 -7.81 18.17 19.14
CA ALA A 275 -6.86 18.18 18.04
C ALA A 275 -5.44 18.28 18.55
N VAL A 276 -4.52 17.67 17.82
CA VAL A 276 -3.11 17.72 18.19
C VAL A 276 -2.56 19.07 17.76
N ALA A 277 -2.05 19.84 18.72
CA ALA A 277 -1.37 21.10 18.41
C ALA A 277 0.11 20.90 18.11
N SER A 278 0.76 19.94 18.75
CA SER A 278 2.21 19.72 18.59
C SER A 278 2.49 18.24 18.81
N SER A 279 2.78 17.53 17.72
CA SER A 279 3.09 16.12 17.82
C SER A 279 4.38 15.93 18.62
N PHE A 280 4.39 14.97 19.55
CA PHE A 280 5.49 14.78 20.50
C PHE A 280 5.81 16.03 21.32
N GLY A 281 4.93 17.04 21.32
CA GLY A 281 5.25 18.31 21.97
C GLY A 281 5.31 18.23 23.49
N ASN A 282 4.72 17.20 24.10
CA ASN A 282 4.89 17.02 25.55
C ASN A 282 6.22 16.39 25.91
N MET A 283 6.95 15.87 24.93
CA MET A 283 8.24 15.25 25.19
C MET A 283 9.36 16.27 25.39
N ILE A 284 9.06 17.56 25.33
CA ILE A 284 10.07 18.56 25.71
C ILE A 284 10.27 18.61 27.21
N TYR A 285 9.39 17.99 27.99
CA TYR A 285 9.52 17.99 29.45
C TYR A 285 10.12 16.67 29.89
N LYS A 286 11.20 16.76 30.67
CA LYS A 286 11.91 15.55 31.07
C LYS A 286 11.02 14.61 31.86
N GLU A 287 10.20 15.15 32.76
CA GLU A 287 9.34 14.31 33.57
C GLU A 287 8.33 13.54 32.71
N LYS A 288 7.87 14.12 31.61
CA LYS A 288 6.96 13.38 30.73
C LYS A 288 7.71 12.33 29.91
N ARG A 289 8.92 12.65 29.45
CA ARG A 289 9.70 11.63 28.75
C ARG A 289 9.94 10.43 29.65
N GLU A 290 10.08 10.64 30.95
CA GLU A 290 10.36 9.55 31.88
C GLU A 290 9.13 8.70 32.21
N SER A 291 7.92 9.21 32.01
CA SER A 291 6.74 8.44 32.34
C SER A 291 6.04 7.85 31.13
N VAL A 292 6.41 8.28 29.91
CA VAL A 292 5.74 7.76 28.72
C VAL A 292 6.16 6.32 28.47
N SER A 293 5.24 5.52 27.93
CA SER A 293 5.50 4.13 27.63
C SER A 293 5.84 3.97 26.17
N LYS A 294 6.51 2.85 25.85
CA LYS A 294 6.84 2.55 24.46
C LYS A 294 5.58 2.43 23.61
N GLU A 295 4.51 1.88 24.19
CA GLU A 295 3.24 1.79 23.46
C GLU A 295 2.70 3.19 23.15
N ASP A 296 2.80 4.11 24.11
CA ASP A 296 2.39 5.49 23.85
C ASP A 296 3.17 6.09 22.69
N LEU A 297 4.49 5.88 22.67
CA LEU A 297 5.30 6.45 21.60
C LEU A 297 5.00 5.80 20.26
N ALA A 298 4.71 4.51 20.23
CA ALA A 298 4.33 3.86 18.97
C ALA A 298 3.04 4.46 18.44
N ARG A 299 2.06 4.68 19.31
CA ARG A 299 0.81 5.27 18.87
C ARG A 299 1.00 6.72 18.42
N ALA A 300 1.79 7.52 19.16
CA ALA A 300 2.04 8.89 18.71
C ALA A 300 2.76 8.92 17.37
N THR A 301 3.68 7.97 17.12
CA THR A 301 4.31 7.91 15.81
C THR A 301 3.29 7.63 14.72
N LEU A 302 2.42 6.64 14.96
CA LEU A 302 1.44 6.28 13.95
C LEU A 302 0.49 7.43 13.69
N VAL A 303 0.00 8.06 14.77
CA VAL A 303 -0.95 9.17 14.64
C VAL A 303 -0.32 10.36 13.92
N THR A 304 0.91 10.71 14.31
CA THR A 304 1.61 11.82 13.66
C THR A 304 1.75 11.60 12.15
N ILE A 305 2.27 10.44 11.73
CA ILE A 305 2.45 10.16 10.32
C ILE A 305 1.10 10.16 9.60
N THR A 306 0.10 9.52 10.19
CA THR A 306 -1.16 9.34 9.51
C THR A 306 -1.88 10.67 9.31
N ASN A 307 -1.98 11.48 10.38
CA ASN A 307 -2.58 12.80 10.26
C ASN A 307 -1.88 13.68 9.24
N ASN A 308 -0.55 13.61 9.18
CA ASN A 308 0.18 14.46 8.23
C ASN A 308 -0.12 14.03 6.78
N ILE A 309 -0.17 12.73 6.53
CA ILE A 309 -0.61 12.23 5.22
C ILE A 309 -2.03 12.70 4.90
N GLY A 310 -2.94 12.58 5.86
CA GLY A 310 -4.29 13.04 5.62
C GLY A 310 -4.35 14.51 5.27
N SER A 311 -3.60 15.33 6.00
CA SER A 311 -3.65 16.77 5.74
C SER A 311 -3.07 17.11 4.38
N VAL A 312 -1.96 16.47 4.01
CA VAL A 312 -1.38 16.71 2.69
C VAL A 312 -2.35 16.25 1.60
N ALA A 313 -2.97 15.10 1.79
CA ALA A 313 -3.98 14.63 0.84
C ALA A 313 -5.11 15.64 0.71
N ARG A 314 -5.59 16.20 1.82
CA ARG A 314 -6.69 17.15 1.73
C ARG A 314 -6.28 18.41 0.98
N MET A 315 -5.08 18.93 1.23
CA MET A 315 -4.65 20.15 0.54
C MET A 315 -4.51 19.92 -0.97
N CYS A 316 -4.04 18.73 -1.36
CA CYS A 316 -3.90 18.41 -2.78
C CYS A 316 -5.25 18.22 -3.44
N ALA A 317 -6.17 17.53 -2.76
CA ALA A 317 -7.53 17.39 -3.27
C ALA A 317 -8.14 18.75 -3.53
N VAL A 318 -8.01 19.66 -2.56
CA VAL A 318 -8.59 21.00 -2.74
C VAL A 318 -7.96 21.72 -3.93
N ASN A 319 -6.65 21.58 -4.11
CA ASN A 319 -5.98 22.31 -5.19
C ASN A 319 -6.28 21.68 -6.55
N GLU A 320 -6.45 20.37 -6.60
CA GLU A 320 -6.77 19.67 -7.84
C GLU A 320 -8.26 19.64 -8.11
N LYS A 321 -9.08 20.12 -7.18
CA LYS A 321 -10.54 20.11 -7.27
C LYS A 321 -11.07 18.68 -7.45
N ILE A 322 -10.56 17.76 -6.63
CA ILE A 322 -10.94 16.35 -6.65
C ILE A 322 -11.49 15.99 -5.29
N ASN A 323 -12.65 15.34 -5.24
CA ASN A 323 -13.26 14.99 -3.95
C ASN A 323 -13.16 13.52 -3.57
N ARG A 324 -12.59 12.67 -4.41
CA ARG A 324 -12.39 11.26 -4.09
C ARG A 324 -10.90 10.99 -3.94
N VAL A 325 -10.51 10.54 -2.75
CA VAL A 325 -9.11 10.30 -2.43
C VAL A 325 -8.94 8.83 -2.09
N VAL A 326 -8.18 8.11 -2.91
CA VAL A 326 -7.90 6.70 -2.69
C VAL A 326 -6.51 6.54 -2.10
N PHE A 327 -6.40 5.77 -1.01
CA PHE A 327 -5.14 5.50 -0.34
C PHE A 327 -4.67 4.09 -0.66
N VAL A 328 -3.44 3.94 -1.17
CA VAL A 328 -2.86 2.63 -1.46
C VAL A 328 -1.47 2.53 -0.84
N GLY A 329 -0.77 1.44 -1.14
CA GLY A 329 0.52 1.18 -0.54
C GLY A 329 0.39 0.30 0.69
N ASN A 330 1.52 -0.19 1.17
CA ASN A 330 1.47 -1.21 2.23
C ASN A 330 1.54 -0.64 3.63
N PHE A 331 1.70 0.68 3.79
CA PHE A 331 1.57 1.25 5.12
C PHE A 331 0.22 0.93 5.75
N LEU A 332 -0.81 0.74 4.92
CA LEU A 332 -2.16 0.47 5.38
C LEU A 332 -2.52 -1.02 5.49
N ARG A 333 -1.65 -1.95 5.07
CA ARG A 333 -2.02 -3.35 5.23
C ARG A 333 -2.02 -3.71 6.72
N VAL A 334 -3.00 -4.55 7.10
CA VAL A 334 -3.35 -4.95 8.46
C VAL A 334 -3.25 -3.79 9.44
N ASN A 335 -3.60 -2.58 8.98
CA ASN A 335 -3.46 -1.35 9.75
C ASN A 335 -4.81 -0.61 9.76
N THR A 336 -5.78 -1.13 10.51
CA THR A 336 -7.09 -0.48 10.55
C THR A 336 -7.06 0.80 11.36
N LEU A 337 -6.15 0.92 12.32
CA LEU A 337 -6.03 2.17 13.05
C LEU A 337 -5.83 3.33 12.10
N SER A 338 -4.84 3.20 11.18
CA SER A 338 -4.55 4.29 10.27
C SER A 338 -5.68 4.51 9.27
N MET A 339 -6.34 3.44 8.80
CA MET A 339 -7.44 3.62 7.88
C MET A 339 -8.58 4.39 8.53
N LYS A 340 -8.99 3.99 9.73
CA LYS A 340 -10.05 4.69 10.44
C LYS A 340 -9.66 6.12 10.76
N LEU A 341 -8.41 6.32 11.16
CA LEU A 341 -7.94 7.69 11.40
C LEU A 341 -8.04 8.53 10.13
N LEU A 342 -7.61 7.97 8.99
CA LEU A 342 -7.72 8.71 7.73
C LEU A 342 -9.18 8.94 7.35
N ALA A 343 -10.04 7.93 7.54
CA ALA A 343 -11.45 8.12 7.22
C ALA A 343 -12.07 9.23 8.06
N TYR A 344 -11.81 9.19 9.38
CA TYR A 344 -12.41 10.18 10.25
C TYR A 344 -11.82 11.58 9.99
N ALA A 345 -10.51 11.66 9.80
CA ALA A 345 -9.89 12.98 9.69
C ALA A 345 -10.27 13.67 8.39
N LEU A 346 -10.26 12.94 7.27
CA LEU A 346 -10.62 13.56 5.99
C LEU A 346 -12.06 14.05 6.01
N ASP A 347 -12.97 13.27 6.59
CA ASP A 347 -14.34 13.72 6.68
C ASP A 347 -14.48 14.91 7.62
N TYR A 348 -13.83 14.85 8.80
CA TYR A 348 -13.98 15.95 9.76
C TYR A 348 -13.37 17.24 9.22
N TRP A 349 -12.09 17.22 8.84
CA TRP A 349 -11.43 18.47 8.49
C TRP A 349 -11.90 19.04 7.15
N SER A 350 -12.44 18.22 6.26
CA SER A 350 -13.00 18.74 5.01
C SER A 350 -14.46 19.13 5.17
N LYS A 351 -15.00 19.07 6.38
CA LYS A 351 -16.41 19.35 6.64
C LYS A 351 -17.30 18.49 5.74
N GLY A 352 -16.87 17.25 5.50
CA GLY A 352 -17.63 16.32 4.68
C GLY A 352 -17.47 16.48 3.19
N GLN A 353 -16.56 17.35 2.73
CA GLN A 353 -16.38 17.55 1.30
C GLN A 353 -15.60 16.42 0.62
N LEU A 354 -14.78 15.67 1.35
CA LEU A 354 -13.92 14.65 0.78
C LEU A 354 -14.24 13.29 1.38
N LYS A 355 -14.12 12.26 0.54
CA LYS A 355 -14.31 10.86 0.94
C LYS A 355 -12.97 10.16 0.92
N ALA A 356 -12.60 9.52 2.04
CA ALA A 356 -11.46 8.60 2.07
C ALA A 356 -11.88 7.23 1.52
N LEU A 357 -11.15 6.75 0.51
CA LEU A 357 -11.46 5.48 -0.14
C LEU A 357 -10.28 4.54 -0.02
N PHE A 358 -10.56 3.24 0.10
CA PHE A 358 -9.52 2.22 0.26
C PHE A 358 -9.77 1.07 -0.71
N LEU A 359 -8.72 0.28 -0.95
CA LEU A 359 -8.74 -0.79 -1.94
C LEU A 359 -8.17 -2.07 -1.34
N GLU A 360 -8.85 -3.19 -1.58
CA GLU A 360 -8.44 -4.48 -1.00
C GLU A 360 -7.04 -4.89 -1.45
N HIS A 361 -6.66 -4.59 -2.67
CA HIS A 361 -5.37 -5.03 -3.19
C HIS A 361 -4.30 -3.93 -3.04
N GLU A 362 -4.37 -3.29 -1.87
CA GLU A 362 -3.64 -2.06 -1.52
C GLU A 362 -2.23 -1.95 -2.08
N GLY A 363 -1.39 -2.95 -1.83
CA GLY A 363 0.03 -2.79 -2.12
C GLY A 363 0.49 -3.33 -3.45
N TYR A 364 -0.41 -3.86 -4.29
CA TYR A 364 0.00 -4.68 -5.42
C TYR A 364 -0.31 -4.08 -6.79
N PHE A 365 -0.78 -2.83 -6.86
CA PHE A 365 -1.27 -2.34 -8.15
C PHE A 365 -0.13 -2.15 -9.15
N GLY A 366 1.05 -1.72 -8.68
CA GLY A 366 2.19 -1.59 -9.57
C GLY A 366 2.61 -2.92 -10.17
N ALA A 367 2.60 -3.97 -9.35
CA ALA A 367 2.96 -5.30 -9.84
C ALA A 367 1.96 -5.78 -10.89
N VAL A 368 0.67 -5.49 -10.69
CA VAL A 368 -0.32 -5.91 -11.68
C VAL A 368 -0.14 -5.11 -12.97
N GLY A 369 0.05 -3.79 -12.85
CA GLY A 369 0.25 -2.97 -14.03
C GLY A 369 1.47 -3.39 -14.84
N ALA A 370 2.55 -3.77 -14.16
CA ALA A 370 3.71 -4.34 -14.86
C ALA A 370 3.33 -5.58 -15.65
N LEU A 371 2.68 -6.54 -14.99
CA LEU A 371 2.23 -7.73 -15.69
C LEU A 371 1.41 -7.36 -16.92
N LEU A 372 0.58 -6.32 -16.82
CA LEU A 372 -0.28 -5.96 -17.93
C LEU A 372 0.50 -5.35 -19.11
N GLY A 373 1.75 -4.92 -18.92
CA GLY A 373 2.57 -4.47 -20.03
C GLY A 373 3.19 -5.59 -20.85
N LEU A 374 2.89 -6.84 -20.50
CA LEU A 374 3.54 -7.97 -21.15
C LEU A 374 3.28 -8.07 -22.66
N PRO A 375 2.09 -7.78 -23.20
CA PRO A 375 1.91 -7.89 -24.66
C PRO A 375 2.82 -6.97 -25.46
N ASN A 376 3.26 -5.84 -24.89
CA ASN A 376 4.12 -4.89 -25.59
C ASN A 376 5.49 -5.45 -25.94
N PHE A 377 5.77 -6.71 -25.62
CA PHE A 377 7.09 -7.27 -25.86
C PHE A 377 6.97 -8.67 -26.48
#